data_3DOX
#
_entry.id   3DOX
#
_cell.length_a   62.380
_cell.length_b   62.380
_cell.length_c   82.000
_cell.angle_alpha   90.00
_cell.angle_beta   90.00
_cell.angle_gamma   120.00
#
_symmetry.space_group_name_H-M   'P 61'
#
loop_
_entity.id
_entity.type
_entity.pdbx_description
1 polymer 'HIV-1 PROTEASE'
2 polymer 'A PEPTIDE SUBSTRATE-SQNY'
3 polymer 'A PEPTIDE SUBSTRATE-PIV'
4 water water
#
loop_
_entity_poly.entity_id
_entity_poly.type
_entity_poly.pdbx_seq_one_letter_code
_entity_poly.pdbx_strand_id
1 'polypeptide(L)'
;PQVTLWQRPLVTIKIGGQLKEALLDTGADDTVLEEMSLPGRWKPKMIGGIGGFIKVRQYDQILIEICGHKAIGTVLVGPT
PVNIIGRNLLTQIGMTLNFGGSSGPQVTLWQRPLVTIKIGGQLKEALLDTGADDTVLEEMSLPGRWKPKMIGGIGGFIKV
RQYDQILIEICGHKAIGTVLVGPTPVNIIGRNLLTQIGATLNF
;
A
2 'polypeptide(L)' SQNY P
3 'polypeptide(L)' PIV Q
#
# COMPACT_ATOMS: atom_id res chain seq x y z
N PRO A 1 -14.05 12.53 6.94
CA PRO A 1 -13.14 13.26 6.02
C PRO A 1 -12.82 12.47 4.76
N GLN A 2 -12.74 13.18 3.63
CA GLN A 2 -12.42 12.56 2.36
C GLN A 2 -11.02 12.99 1.97
N VAL A 3 -10.26 12.09 1.38
CA VAL A 3 -8.90 12.44 0.99
C VAL A 3 -8.56 11.98 -0.43
N THR A 4 -8.00 12.90 -1.21
CA THR A 4 -7.59 12.63 -2.57
C THR A 4 -6.18 12.03 -2.48
N LEU A 5 -5.69 11.47 -3.59
CA LEU A 5 -4.40 10.80 -3.57
C LEU A 5 -3.26 11.44 -4.36
N TRP A 6 -3.37 12.74 -4.60
CA TRP A 6 -2.34 13.48 -5.32
C TRP A 6 -1.09 13.53 -4.45
N GLN A 7 -1.30 13.35 -3.15
CA GLN A 7 -0.19 13.33 -2.20
C GLN A 7 -0.32 12.05 -1.39
N ARG A 8 0.72 11.65 -0.68
CA ARG A 8 0.64 10.45 0.15
C ARG A 8 -0.42 10.69 1.22
N PRO A 9 -1.32 9.71 1.42
CA PRO A 9 -2.35 9.86 2.45
C PRO A 9 -1.78 9.66 3.84
N LEU A 10 -1.14 10.69 4.38
CA LEU A 10 -0.54 10.60 5.71
C LEU A 10 -1.51 11.02 6.79
N VAL A 11 -1.42 10.37 7.95
CA VAL A 11 -2.27 10.71 9.07
C VAL A 11 -1.45 10.74 10.36
N THR A 12 -1.99 11.39 11.38
CA THR A 12 -1.29 11.45 12.65
C THR A 12 -1.88 10.31 13.48
N ILE A 13 -1.02 9.55 14.14
CA ILE A 13 -1.48 8.45 14.97
C ILE A 13 -0.84 8.56 16.35
N LYS A 14 -1.56 8.06 17.36
CA LYS A 14 -1.03 8.07 18.72
C LYS A 14 -1.07 6.62 19.13
N ILE A 15 0.08 6.10 19.53
CA ILE A 15 0.20 4.72 19.94
C ILE A 15 1.30 4.59 20.98
N GLY A 16 1.04 3.81 22.01
CA GLY A 16 2.03 3.62 23.06
C GLY A 16 2.40 4.93 23.73
N GLY A 17 1.46 5.88 23.72
CA GLY A 17 1.70 7.19 24.34
C GLY A 17 2.51 8.15 23.48
N GLN A 18 2.85 7.74 22.27
CA GLN A 18 3.65 8.57 21.37
C GLN A 18 2.92 8.96 20.10
N LEU A 19 3.26 10.13 19.56
CA LEU A 19 2.66 10.63 18.34
C LEU A 19 3.56 10.35 17.15
N LYS A 20 2.96 9.88 16.06
CA LYS A 20 3.72 9.59 14.87
C LYS A 20 2.88 9.83 13.64
N GLU A 21 3.53 9.79 12.48
CA GLU A 21 2.84 9.97 11.21
C GLU A 21 2.85 8.60 10.55
N ALA A 22 1.79 8.28 9.83
CA ALA A 22 1.70 6.99 9.16
C ALA A 22 0.94 7.11 7.85
N LEU A 23 1.17 6.16 6.97
CA LEU A 23 0.55 6.15 5.66
C LEU A 23 -0.67 5.23 5.62
N LEU A 24 -1.80 5.77 5.19
CA LEU A 24 -3.01 4.95 5.05
C LEU A 24 -2.70 4.08 3.84
N ASP A 25 -2.56 2.78 4.08
CA ASP A 25 -2.17 1.83 3.05
C ASP A 25 -3.19 0.73 2.75
N THR A 26 -4.00 0.94 1.70
CA THR A 26 -5.02 -0.04 1.32
C THR A 26 -4.40 -1.31 0.77
N GLY A 27 -3.14 -1.24 0.37
CA GLY A 27 -2.47 -2.40 -0.18
C GLY A 27 -1.83 -3.27 0.89
N ALA A 28 -1.93 -2.83 2.14
CA ALA A 28 -1.34 -3.56 3.25
C ALA A 28 -2.40 -4.29 4.06
N ASP A 29 -2.21 -5.60 4.24
CA ASP A 29 -3.16 -6.39 5.02
C ASP A 29 -3.03 -5.98 6.48
N ASP A 30 -1.80 -5.70 6.89
CA ASP A 30 -1.57 -5.31 8.28
C ASP A 30 -0.90 -3.98 8.46
N THR A 31 -0.74 -3.61 9.72
CA THR A 31 -0.14 -2.38 10.13
C THR A 31 1.29 -2.63 10.59
N VAL A 32 2.24 -1.90 10.01
CA VAL A 32 3.64 -2.07 10.38
C VAL A 32 4.25 -0.71 10.68
N LEU A 33 4.84 -0.61 11.86
CA LEU A 33 5.46 0.64 12.28
C LEU A 33 6.96 0.49 12.45
N GLU A 34 7.67 1.59 12.23
CA GLU A 34 9.12 1.61 12.39
C GLU A 34 9.41 1.27 13.84
N GLU A 35 10.67 0.99 14.15
CA GLU A 35 11.03 0.65 15.51
C GLU A 35 10.57 1.71 16.50
N MET A 36 9.98 1.27 17.60
CA MET A 36 9.49 2.17 18.62
C MET A 36 9.28 1.39 19.90
N SER A 37 9.11 2.12 21.00
CA SER A 37 8.89 1.54 22.31
C SER A 37 7.41 1.25 22.59
N LEU A 38 7.08 -0.03 22.74
CA LEU A 38 5.72 -0.46 23.04
C LEU A 38 5.73 -1.38 24.25
N PRO A 39 4.74 -1.23 25.14
CA PRO A 39 4.64 -2.06 26.36
C PRO A 39 4.11 -3.46 26.07
N GLY A 40 4.33 -4.37 27.02
CA GLY A 40 3.84 -5.72 26.88
C GLY A 40 4.70 -6.67 26.06
N ARG A 41 4.21 -7.89 25.89
CA ARG A 41 4.92 -8.90 25.12
C ARG A 41 4.52 -8.86 23.65
N TRP A 42 5.35 -9.47 22.82
CA TRP A 42 5.13 -9.54 21.39
C TRP A 42 5.52 -10.94 20.94
N LYS A 43 5.34 -11.21 19.66
CA LYS A 43 5.68 -12.52 19.10
C LYS A 43 6.49 -12.30 17.83
N PRO A 44 7.58 -13.07 17.67
CA PRO A 44 8.42 -12.94 16.46
C PRO A 44 7.59 -13.28 15.23
N LYS A 45 7.80 -12.54 14.15
CA LYS A 45 7.05 -12.79 12.93
C LYS A 45 7.76 -12.21 11.71
N MET A 46 7.50 -12.82 10.55
CA MET A 46 8.09 -12.36 9.31
C MET A 46 6.97 -11.99 8.35
N ILE A 47 7.07 -10.80 7.77
CA ILE A 47 6.08 -10.35 6.82
C ILE A 47 6.77 -10.09 5.49
N GLY A 48 6.04 -10.25 4.40
CA GLY A 48 6.62 -10.02 3.09
C GLY A 48 6.14 -8.73 2.46
N GLY A 49 6.78 -8.36 1.35
CA GLY A 49 6.44 -7.16 0.62
C GLY A 49 7.44 -7.05 -0.50
N ILE A 50 7.41 -5.95 -1.24
CA ILE A 50 8.36 -5.75 -2.31
C ILE A 50 9.74 -5.63 -1.66
N GLY A 51 10.75 -6.23 -2.28
CA GLY A 51 12.08 -6.16 -1.72
C GLY A 51 12.35 -7.45 -0.96
N GLY A 52 11.30 -8.06 -0.44
CA GLY A 52 11.47 -9.31 0.29
C GLY A 52 10.70 -9.40 1.59
N PHE A 53 11.36 -9.86 2.64
CA PHE A 53 10.72 -10.03 3.93
C PHE A 53 11.51 -9.34 5.04
N ILE A 54 10.83 -9.03 6.14
CA ILE A 54 11.49 -8.43 7.28
C ILE A 54 10.93 -9.05 8.54
N LYS A 55 11.76 -9.17 9.57
CA LYS A 55 11.32 -9.73 10.83
C LYS A 55 10.71 -8.59 11.63
N VAL A 56 9.60 -8.88 12.30
CA VAL A 56 8.93 -7.86 13.10
C VAL A 56 8.48 -8.44 14.41
N ARG A 57 8.11 -7.57 15.34
CA ARG A 57 7.60 -7.99 16.64
C ARG A 57 6.10 -7.76 16.55
N GLN A 58 5.32 -8.79 16.85
CA GLN A 58 3.87 -8.66 16.76
C GLN A 58 3.18 -8.32 18.07
N TYR A 59 2.63 -7.12 18.16
CA TYR A 59 1.90 -6.69 19.34
C TYR A 59 0.41 -6.78 19.06
N ASP A 60 -0.31 -7.54 19.87
CA ASP A 60 -1.74 -7.69 19.69
C ASP A 60 -2.51 -6.86 20.70
N GLN A 61 -3.76 -6.56 20.36
CA GLN A 61 -4.61 -5.77 21.24
C GLN A 61 -4.02 -4.42 21.60
N ILE A 62 -3.38 -3.77 20.64
CA ILE A 62 -2.80 -2.48 20.94
C ILE A 62 -3.77 -1.35 20.55
N LEU A 63 -3.94 -0.41 21.47
CA LEU A 63 -4.82 0.72 21.22
C LEU A 63 -4.08 1.73 20.37
N ILE A 64 -4.73 2.16 19.30
CA ILE A 64 -4.12 3.13 18.42
C ILE A 64 -5.17 4.18 18.03
N GLU A 65 -4.73 5.42 17.94
CA GLU A 65 -5.61 6.50 17.58
C GLU A 65 -5.14 7.03 16.24
N ILE A 66 -5.97 6.85 15.21
CA ILE A 66 -5.64 7.29 13.87
C ILE A 66 -6.46 8.53 13.52
N CYS A 67 -5.81 9.69 13.57
CA CYS A 67 -6.47 10.95 13.28
C CYS A 67 -7.72 11.09 14.15
N GLY A 68 -7.57 10.76 15.43
CA GLY A 68 -8.68 10.87 16.35
C GLY A 68 -9.56 9.63 16.48
N HIS A 69 -9.60 8.78 15.46
CA HIS A 69 -10.43 7.58 15.52
C HIS A 69 -9.71 6.46 16.26
N LYS A 70 -10.35 5.92 17.29
CA LYS A 70 -9.76 4.86 18.09
C LYS A 70 -9.97 3.48 17.48
N ALA A 71 -8.96 2.64 17.65
CA ALA A 71 -9.00 1.27 17.13
C ALA A 71 -8.05 0.41 17.96
N ILE A 72 -8.38 -0.87 18.09
CA ILE A 72 -7.54 -1.80 18.83
C ILE A 72 -7.25 -2.95 17.88
N GLY A 73 -5.99 -3.36 17.82
CA GLY A 73 -5.66 -4.44 16.94
C GLY A 73 -4.19 -4.74 17.00
N THR A 74 -3.75 -5.54 16.03
CA THR A 74 -2.37 -5.97 15.93
C THR A 74 -1.52 -4.94 15.21
N VAL A 75 -0.33 -4.71 15.76
CA VAL A 75 0.61 -3.77 15.16
C VAL A 75 1.94 -4.49 15.10
N LEU A 76 2.60 -4.40 13.96
CA LEU A 76 3.88 -5.03 13.80
C LEU A 76 4.94 -3.94 13.84
N VAL A 77 6.02 -4.20 14.55
CA VAL A 77 7.10 -3.23 14.67
C VAL A 77 8.38 -3.83 14.11
N GLY A 78 8.97 -3.17 13.12
CA GLY A 78 10.18 -3.68 12.53
C GLY A 78 10.85 -2.70 11.60
N PRO A 79 11.84 -3.17 10.82
CA PRO A 79 12.58 -2.34 9.88
C PRO A 79 11.82 -1.91 8.62
N THR A 80 10.62 -1.35 8.80
CA THR A 80 9.83 -0.87 7.68
C THR A 80 10.31 0.54 7.36
N PRO A 81 10.44 0.89 6.08
CA PRO A 81 10.89 2.23 5.71
C PRO A 81 9.84 3.33 5.94
N VAL A 82 8.59 2.94 6.15
CA VAL A 82 7.53 3.91 6.38
C VAL A 82 6.47 3.30 7.30
N ASN A 83 5.91 4.09 8.21
CA ASN A 83 4.87 3.57 9.09
C ASN A 83 3.64 3.45 8.22
N ILE A 84 2.99 2.29 8.23
CA ILE A 84 1.79 2.16 7.44
C ILE A 84 0.65 1.53 8.20
N ILE A 85 -0.54 2.08 7.97
CA ILE A 85 -1.74 1.59 8.63
C ILE A 85 -2.40 0.68 7.62
N GLY A 86 -2.46 -0.61 7.95
CA GLY A 86 -3.06 -1.58 7.04
C GLY A 86 -4.55 -1.77 7.24
N ARG A 87 -5.13 -2.61 6.39
CA ARG A 87 -6.55 -2.89 6.44
C ARG A 87 -7.08 -3.38 7.79
N ASN A 88 -6.25 -4.10 8.55
CA ASN A 88 -6.71 -4.59 9.85
C ASN A 88 -7.22 -3.43 10.69
N LEU A 89 -6.64 -2.25 10.50
CA LEU A 89 -7.06 -1.08 11.27
C LEU A 89 -7.93 -0.13 10.47
N LEU A 90 -7.70 -0.06 9.16
CA LEU A 90 -8.50 0.82 8.30
C LEU A 90 -9.99 0.48 8.41
N THR A 91 -10.32 -0.81 8.49
CA THR A 91 -11.71 -1.23 8.60
C THR A 91 -12.32 -0.74 9.91
N GLN A 92 -11.50 -0.71 10.96
CA GLN A 92 -11.95 -0.27 12.27
C GLN A 92 -12.35 1.20 12.30
N ILE A 93 -11.77 1.99 11.42
CA ILE A 93 -12.11 3.42 11.40
C ILE A 93 -13.04 3.76 10.22
N GLY A 94 -13.72 2.73 9.72
CA GLY A 94 -14.66 2.91 8.61
C GLY A 94 -14.08 3.46 7.33
N MET A 95 -12.86 3.09 7.01
CA MET A 95 -12.18 3.55 5.81
C MET A 95 -12.73 2.87 4.55
N THR A 96 -12.99 3.66 3.51
CA THR A 96 -13.47 3.10 2.25
C THR A 96 -12.74 3.76 1.09
N LEU A 97 -12.65 3.04 -0.02
CA LEU A 97 -12.01 3.56 -1.22
C LEU A 97 -13.14 3.89 -2.19
N ASN A 98 -13.10 5.07 -2.79
CA ASN A 98 -14.15 5.48 -3.73
C ASN A 98 -13.55 5.90 -5.07
N PHE A 99 -14.11 5.38 -6.15
CA PHE A 99 -13.63 5.71 -7.49
C PHE A 99 -14.69 5.39 -8.53
N PRO A 105 -19.01 3.71 -7.17
CA PRO A 105 -18.11 2.58 -6.91
C PRO A 105 -17.36 2.74 -5.58
N GLN A 106 -18.04 2.44 -4.47
CA GLN A 106 -17.44 2.54 -3.15
C GLN A 106 -16.92 1.16 -2.77
N VAL A 107 -15.82 1.12 -2.03
CA VAL A 107 -15.24 -0.15 -1.64
C VAL A 107 -14.76 -0.18 -0.19
N THR A 108 -15.28 -1.13 0.59
CA THR A 108 -14.86 -1.28 1.97
C THR A 108 -13.54 -2.02 1.95
N LEU A 109 -12.86 -2.11 3.09
CA LEU A 109 -11.55 -2.76 3.13
C LEU A 109 -11.45 -4.05 3.94
N TRP A 110 -12.56 -4.76 4.09
CA TRP A 110 -12.55 -6.01 4.82
C TRP A 110 -11.81 -7.06 3.98
N GLN A 111 -11.75 -6.80 2.69
CA GLN A 111 -11.04 -7.68 1.76
C GLN A 111 -10.04 -6.83 1.00
N ARG A 112 -9.07 -7.46 0.36
CA ARG A 112 -8.10 -6.72 -0.43
C ARG A 112 -8.86 -6.02 -1.54
N PRO A 113 -8.58 -4.73 -1.76
CA PRO A 113 -9.27 -3.98 -2.81
C PRO A 113 -8.70 -4.34 -4.18
N LEU A 114 -9.14 -5.48 -4.71
CA LEU A 114 -8.66 -5.93 -6.00
C LEU A 114 -9.51 -5.39 -7.14
N VAL A 115 -8.87 -5.19 -8.30
CA VAL A 115 -9.55 -4.71 -9.49
C VAL A 115 -9.06 -5.46 -10.71
N THR A 116 -9.85 -5.41 -11.77
CA THR A 116 -9.45 -6.05 -13.00
C THR A 116 -8.85 -4.94 -13.87
N ILE A 117 -7.69 -5.19 -14.46
CA ILE A 117 -7.05 -4.20 -15.30
C ILE A 117 -6.74 -4.81 -16.65
N LYS A 118 -6.62 -3.95 -17.65
CA LYS A 118 -6.26 -4.39 -18.99
C LYS A 118 -5.08 -3.53 -19.39
N ILE A 119 -3.97 -4.19 -19.71
CA ILE A 119 -2.76 -3.50 -20.10
C ILE A 119 -1.97 -4.39 -21.04
N GLY A 120 -1.40 -3.78 -22.08
CA GLY A 120 -0.62 -4.54 -23.03
C GLY A 120 -1.48 -5.59 -23.71
N GLY A 121 -2.78 -5.32 -23.78
CA GLY A 121 -3.70 -6.25 -24.40
C GLY A 121 -4.04 -7.44 -23.53
N GLN A 122 -3.51 -7.47 -22.31
CA GLN A 122 -3.74 -8.57 -21.38
C GLN A 122 -4.60 -8.18 -20.19
N LEU A 123 -5.33 -9.16 -19.66
CA LEU A 123 -6.19 -8.93 -18.50
C LEU A 123 -5.49 -9.46 -17.25
N LYS A 124 -5.53 -8.67 -16.19
CA LYS A 124 -4.91 -9.05 -14.93
C LYS A 124 -5.67 -8.49 -13.76
N GLU A 125 -5.34 -8.99 -12.57
CA GLU A 125 -5.94 -8.50 -11.35
C GLU A 125 -4.84 -7.70 -10.66
N ALA A 126 -5.22 -6.60 -10.02
CA ALA A 126 -4.26 -5.75 -9.33
C ALA A 126 -4.86 -5.23 -8.03
N LEU A 127 -3.98 -4.80 -7.14
CA LEU A 127 -4.38 -4.27 -5.85
C LEU A 127 -4.36 -2.75 -5.83
N LEU A 128 -5.47 -2.13 -5.45
CA LEU A 128 -5.52 -0.67 -5.36
C LEU A 128 -4.73 -0.36 -4.09
N ASP A 129 -3.55 0.23 -4.27
CA ASP A 129 -2.63 0.51 -3.17
C ASP A 129 -2.36 2.00 -2.90
N THR A 130 -3.07 2.58 -1.95
CA THR A 130 -2.88 3.98 -1.59
C THR A 130 -1.52 4.25 -0.97
N GLY A 131 -0.85 3.20 -0.50
CA GLY A 131 0.46 3.37 0.11
C GLY A 131 1.59 3.37 -0.90
N ALA A 132 1.27 3.07 -2.15
CA ALA A 132 2.28 3.03 -3.21
C ALA A 132 2.25 4.28 -4.08
N ASP A 133 3.41 4.91 -4.26
CA ASP A 133 3.52 6.10 -5.09
C ASP A 133 3.39 5.70 -6.54
N ASP A 134 4.00 4.56 -6.86
CA ASP A 134 4.03 4.03 -8.22
C ASP A 134 3.20 2.78 -8.41
N THR A 135 3.03 2.43 -9.68
CA THR A 135 2.31 1.24 -10.07
C THR A 135 3.35 0.19 -10.43
N VAL A 136 3.25 -0.98 -9.81
CA VAL A 136 4.22 -2.04 -10.06
C VAL A 136 3.50 -3.34 -10.40
N LEU A 137 3.84 -3.92 -11.55
CA LEU A 137 3.21 -5.16 -11.98
C LEU A 137 4.22 -6.30 -12.11
N GLU A 138 3.74 -7.53 -11.89
CA GLU A 138 4.58 -8.71 -11.99
C GLU A 138 5.06 -8.84 -13.43
N GLU A 139 6.20 -9.49 -13.63
CA GLU A 139 6.75 -9.68 -14.97
C GLU A 139 5.66 -10.00 -15.98
N MET A 140 5.68 -9.31 -17.11
CA MET A 140 4.70 -9.52 -18.17
C MET A 140 5.22 -8.93 -19.47
N SER A 141 4.61 -9.31 -20.58
CA SER A 141 5.02 -8.82 -21.90
C SER A 141 4.40 -7.45 -22.17
N LEU A 142 5.26 -6.45 -22.31
CA LEU A 142 4.80 -5.10 -22.56
C LEU A 142 5.48 -4.51 -23.81
N PRO A 143 4.72 -3.84 -24.66
CA PRO A 143 5.27 -3.23 -25.89
C PRO A 143 6.05 -1.95 -25.59
N GLY A 144 7.02 -1.65 -26.45
CA GLY A 144 7.79 -0.43 -26.27
C GLY A 144 9.14 -0.54 -25.57
N ARG A 145 9.74 0.62 -25.36
CA ARG A 145 11.04 0.72 -24.71
C ARG A 145 10.89 1.01 -23.22
N TRP A 146 11.90 0.61 -22.45
CA TRP A 146 11.89 0.81 -21.01
C TRP A 146 13.26 1.23 -20.50
N LYS A 147 13.32 1.72 -19.28
CA LYS A 147 14.58 2.15 -18.67
C LYS A 147 14.76 1.51 -17.31
N PRO A 148 15.97 1.00 -17.02
CA PRO A 148 16.27 0.36 -15.74
C PRO A 148 15.95 1.28 -14.56
N LYS A 149 15.44 0.71 -13.49
CA LYS A 149 15.10 1.51 -12.32
C LYS A 149 14.91 0.62 -11.10
N MET A 150 15.26 1.14 -9.94
CA MET A 150 15.11 0.39 -8.71
C MET A 150 14.12 1.09 -7.79
N ILE A 151 13.33 0.31 -7.09
CA ILE A 151 12.36 0.86 -6.16
C ILE A 151 12.46 0.08 -4.85
N GLY A 152 12.23 0.77 -3.75
CA GLY A 152 12.31 0.12 -2.45
C GLY A 152 10.94 -0.27 -1.94
N GLY A 153 10.94 -1.02 -0.85
CA GLY A 153 9.70 -1.47 -0.25
C GLY A 153 10.03 -1.99 1.13
N ILE A 154 9.06 -2.64 1.76
CA ILE A 154 9.25 -3.19 3.09
C ILE A 154 10.45 -4.13 3.24
N GLY A 155 10.64 -5.02 2.29
CA GLY A 155 11.74 -5.97 2.38
C GLY A 155 13.05 -5.53 1.73
N GLY A 156 13.08 -4.33 1.18
CA GLY A 156 14.29 -3.85 0.54
C GLY A 156 14.01 -3.24 -0.83
N PHE A 157 14.81 -3.58 -1.82
CA PHE A 157 14.62 -3.04 -3.17
C PHE A 157 14.57 -4.10 -4.25
N ILE A 158 13.97 -3.75 -5.38
CA ILE A 158 13.91 -4.68 -6.50
C ILE A 158 14.20 -3.89 -7.76
N LYS A 159 14.78 -4.57 -8.74
CA LYS A 159 15.07 -3.94 -10.01
C LYS A 159 13.81 -4.10 -10.83
N VAL A 160 13.38 -3.03 -11.49
CA VAL A 160 12.16 -3.10 -12.30
C VAL A 160 12.40 -2.43 -13.64
N ARG A 161 11.52 -2.73 -14.59
CA ARG A 161 11.61 -2.12 -15.91
C ARG A 161 10.56 -1.03 -15.93
N GLN A 162 10.98 0.20 -16.25
CA GLN A 162 10.05 1.31 -16.29
C GLN A 162 9.54 1.65 -17.67
N TYR A 163 8.21 1.61 -17.83
CA TYR A 163 7.57 1.95 -19.09
C TYR A 163 6.75 3.21 -18.87
N ASP A 164 6.95 4.21 -19.73
CA ASP A 164 6.20 5.46 -19.61
C ASP A 164 5.05 5.47 -20.62
N GLN A 165 4.14 6.42 -20.46
CA GLN A 165 3.01 6.58 -21.36
C GLN A 165 2.31 5.26 -21.68
N ILE A 166 2.02 4.48 -20.66
CA ILE A 166 1.34 3.21 -20.90
C ILE A 166 -0.16 3.33 -20.64
N LEU A 167 -0.97 2.92 -21.61
CA LEU A 167 -2.42 2.97 -21.45
C LEU A 167 -2.86 1.78 -20.62
N ILE A 168 -3.63 2.05 -19.56
CA ILE A 168 -4.11 1.00 -18.70
C ILE A 168 -5.57 1.25 -18.36
N GLU A 169 -6.36 0.19 -18.32
CA GLU A 169 -7.75 0.32 -17.96
C GLU A 169 -7.94 -0.37 -16.62
N ILE A 170 -8.46 0.38 -15.65
CA ILE A 170 -8.66 -0.12 -14.30
C ILE A 170 -10.15 -0.13 -14.02
N CYS A 171 -10.73 -1.34 -14.00
CA CYS A 171 -12.16 -1.51 -13.78
C CYS A 171 -12.95 -0.61 -14.71
N GLY A 172 -12.62 -0.65 -16.00
CA GLY A 172 -13.31 0.16 -16.99
C GLY A 172 -12.80 1.57 -17.18
N HIS A 173 -12.06 2.10 -16.21
CA HIS A 173 -11.54 3.46 -16.29
C HIS A 173 -10.16 3.52 -16.92
N LYS A 174 -10.02 4.34 -17.95
CA LYS A 174 -8.77 4.49 -18.66
C LYS A 174 -7.83 5.50 -18.03
N ALA A 175 -6.55 5.16 -18.05
CA ALA A 175 -5.52 6.03 -17.52
C ALA A 175 -4.26 5.77 -18.32
N ILE A 176 -3.36 6.74 -18.34
CA ILE A 176 -2.10 6.60 -19.02
C ILE A 176 -1.06 7.12 -18.04
N GLY A 177 0.01 6.37 -17.88
CA GLY A 177 1.04 6.78 -16.95
C GLY A 177 2.18 5.80 -16.97
N THR A 178 3.03 5.90 -15.96
CA THR A 178 4.18 5.03 -15.86
C THR A 178 3.85 3.73 -15.17
N VAL A 179 4.34 2.63 -15.73
CA VAL A 179 4.10 1.32 -15.16
C VAL A 179 5.47 0.67 -14.98
N LEU A 180 5.71 0.12 -13.80
CA LEU A 180 6.98 -0.54 -13.53
C LEU A 180 6.70 -2.05 -13.51
N VAL A 181 7.57 -2.82 -14.16
CA VAL A 181 7.40 -4.26 -14.22
C VAL A 181 8.60 -4.94 -13.57
N GLY A 182 8.34 -5.81 -12.62
CA GLY A 182 9.43 -6.50 -11.95
C GLY A 182 9.01 -7.52 -10.94
N PRO A 183 9.95 -7.97 -10.09
CA PRO A 183 9.80 -8.97 -9.03
C PRO A 183 8.84 -8.61 -7.88
N THR A 184 7.72 -7.97 -8.19
CA THR A 184 6.75 -7.62 -7.15
C THR A 184 5.89 -8.82 -6.76
N PRO A 185 5.63 -8.99 -5.46
CA PRO A 185 4.82 -10.11 -4.94
C PRO A 185 3.35 -10.01 -5.38
N VAL A 186 2.97 -8.85 -5.88
CA VAL A 186 1.59 -8.65 -6.32
C VAL A 186 1.49 -7.40 -7.19
N ASN A 187 0.54 -7.38 -8.11
CA ASN A 187 0.36 -6.23 -8.98
C ASN A 187 -0.30 -5.15 -8.14
N ILE A 188 0.31 -3.97 -8.09
CA ILE A 188 -0.27 -2.88 -7.32
C ILE A 188 -0.46 -1.63 -8.18
N ILE A 189 -1.62 -1.00 -8.02
CA ILE A 189 -1.92 0.24 -8.73
C ILE A 189 -1.63 1.34 -7.73
N GLY A 190 -0.60 2.14 -8.02
CA GLY A 190 -0.22 3.21 -7.13
C GLY A 190 -0.91 4.52 -7.43
N ARG A 191 -0.62 5.53 -6.60
CA ARG A 191 -1.21 6.85 -6.71
C ARG A 191 -1.06 7.56 -8.05
N ASN A 192 -0.02 7.24 -8.81
CA ASN A 192 0.16 7.90 -10.10
C ASN A 192 -1.00 7.57 -11.02
N LEU A 193 -1.60 6.39 -10.83
CA LEU A 193 -2.74 6.00 -11.65
C LEU A 193 -4.05 6.17 -10.88
N LEU A 194 -4.02 5.99 -9.57
CA LEU A 194 -5.22 6.13 -8.76
C LEU A 194 -5.83 7.53 -8.90
N THR A 195 -4.98 8.55 -8.98
CA THR A 195 -5.46 9.91 -9.11
C THR A 195 -6.28 10.07 -10.40
N GLN A 196 -5.84 9.41 -11.47
CA GLN A 196 -6.54 9.50 -12.73
C GLN A 196 -7.93 8.89 -12.75
N ILE A 197 -8.17 7.89 -11.91
CA ILE A 197 -9.50 7.28 -11.89
C ILE A 197 -10.33 7.90 -10.77
N GLY A 198 -9.87 9.05 -10.28
CA GLY A 198 -10.58 9.77 -9.23
C GLY A 198 -10.77 8.97 -7.95
N ALA A 199 -9.75 8.25 -7.53
CA ALA A 199 -9.85 7.46 -6.31
C ALA A 199 -9.71 8.34 -5.08
N THR A 200 -10.51 8.08 -4.06
CA THR A 200 -10.44 8.84 -2.81
C THR A 200 -10.58 7.91 -1.62
N LEU A 201 -10.01 8.30 -0.50
CA LEU A 201 -10.15 7.52 0.72
C LEU A 201 -11.13 8.30 1.59
N ASN A 202 -12.11 7.62 2.18
CA ASN A 202 -13.09 8.28 3.01
C ASN A 202 -13.29 7.56 4.35
N PHE A 203 -13.20 8.32 5.44
CA PHE A 203 -13.39 7.75 6.77
C PHE A 203 -13.88 8.80 7.76
N SER B 1 11.82 5.96 -5.51
CA SER B 1 11.61 4.50 -5.24
C SER B 1 10.44 4.28 -4.29
N GLN B 2 10.49 3.17 -3.56
CA GLN B 2 9.44 2.81 -2.60
C GLN B 2 8.08 2.52 -3.24
N ASN B 3 7.26 1.79 -2.50
CA ASN B 3 5.90 1.39 -2.91
C ASN B 3 5.39 0.38 -1.89
N TYR B 4 4.40 0.80 -1.10
CA TYR B 4 3.83 -0.06 -0.07
C TYR B 4 2.32 -0.21 -0.16
N PRO C 1 1.85 -3.48 -0.07
CA PRO C 1 2.13 -4.92 0.17
C PRO C 1 2.94 -5.17 1.44
N ILE C 2 2.24 -5.53 2.51
CA ILE C 2 2.90 -5.81 3.79
C ILE C 2 1.95 -6.54 4.71
N VAL C 3 2.47 -7.40 5.57
CA VAL C 3 1.61 -8.02 6.55
C VAL C 3 2.26 -8.05 7.93
#